data_1NM3
#
_entry.id   1NM3
#
_cell.length_a   72.854
_cell.length_b   72.854
_cell.length_c   229.633
_cell.angle_alpha   90.00
_cell.angle_beta   90.00
_cell.angle_gamma   90.00
#
_symmetry.space_group_name_H-M   'P 43 21 2'
#
loop_
_entity.id
_entity.type
_entity.pdbx_description
1 polymer 'Protein HI0572'
2 non-polymer 'SULFATE ION'
#
_entity_poly.entity_id   1
_entity_poly.type   'polypeptide(L)'
_entity_poly.pdbx_seq_one_letter_code
;(MSE)SS(MSE)EGKKVPQVTFRTRQGDKWVDVTTSELFDNKTVIVFSLPGAFTPTCSSSHLPRYNELAPVFKKYGVDDI
LVVSVNDTFV(MSE)NAWKEDEKSENISFIPDGNGEFTEG(MSE)G(MSE)LVGKEDLGFGKRSWRYS(MSE)LVKNGVV
EK(MSE)FIEPNEPGDPFKVSDADT(MSE)LKYLAPQHQVQESISIFTKPGCPFCAKAKQLLHDKGLSFEEIILGHDATI
VSVRAVSGRTTVPQVFIGGKHIGGSDDLEKYFA
;
_entity_poly.pdbx_strand_id   A,B
#
loop_
_chem_comp.id
_chem_comp.type
_chem_comp.name
_chem_comp.formula
SO4 non-polymer 'SULFATE ION' 'O4 S -2'
#
# COMPACT_ATOMS: atom_id res chain seq x y z
N SER A 3 10.81 32.27 -3.80
CA SER A 3 10.06 31.67 -2.70
C SER A 3 8.58 31.99 -2.86
N MSE A 4 7.74 31.07 -2.41
CA MSE A 4 6.29 31.24 -2.50
C MSE A 4 5.74 32.00 -1.31
O MSE A 4 4.56 32.32 -1.26
CB MSE A 4 5.59 29.88 -2.58
CG MSE A 4 5.71 29.20 -3.93
SE MSE A 4 4.90 30.24 -5.35
CE MSE A 4 3.03 30.06 -4.91
N GLU A 5 6.60 32.28 -0.33
CA GLU A 5 6.15 33.02 0.85
C GLU A 5 5.57 34.35 0.43
N GLY A 6 4.39 34.68 0.93
CA GLY A 6 3.74 35.91 0.56
C GLY A 6 2.99 35.81 -0.75
N LYS A 7 3.04 34.64 -1.39
CA LYS A 7 2.35 34.45 -2.65
C LYS A 7 1.10 33.60 -2.49
N LYS A 8 0.21 33.70 -3.46
CA LYS A 8 -1.04 32.95 -3.44
C LYS A 8 -0.82 31.50 -3.85
N VAL A 9 -1.39 30.58 -3.06
CA VAL A 9 -1.27 29.14 -3.30
C VAL A 9 -1.88 28.87 -4.69
N PRO A 10 -1.35 27.87 -5.42
CA PRO A 10 -1.86 27.54 -6.75
C PRO A 10 -3.36 27.23 -6.80
N GLN A 11 -4.01 27.58 -7.91
CA GLN A 11 -5.44 27.29 -8.07
C GLN A 11 -5.53 25.88 -8.65
N VAL A 12 -5.91 24.93 -7.80
CA VAL A 12 -6.04 23.54 -8.20
C VAL A 12 -7.34 22.92 -7.70
N THR A 13 -7.89 22.01 -8.51
CA THR A 13 -9.10 21.32 -8.16
C THR A 13 -8.67 19.87 -8.04
N PHE A 14 -8.80 19.28 -6.85
CA PHE A 14 -8.41 17.89 -6.68
C PHE A 14 -9.58 16.93 -6.88
N ARG A 15 -9.35 15.91 -7.70
CA ARG A 15 -10.36 14.88 -7.93
C ARG A 15 -10.15 13.85 -6.85
N THR A 16 -11.03 13.88 -5.85
CA THR A 16 -10.93 12.94 -4.75
C THR A 16 -12.04 11.90 -4.77
N ARG A 17 -11.89 10.93 -3.88
CA ARG A 17 -12.87 9.87 -3.74
C ARG A 17 -13.27 9.77 -2.28
N GLN A 18 -14.57 9.64 -2.07
CA GLN A 18 -15.17 9.47 -0.75
C GLN A 18 -16.15 8.34 -0.92
N GLY A 19 -15.67 7.14 -0.61
CA GLY A 19 -16.48 5.97 -0.77
C GLY A 19 -16.51 5.63 -2.24
N ASP A 20 -17.72 5.54 -2.81
CA ASP A 20 -17.86 5.21 -4.21
C ASP A 20 -18.18 6.44 -5.01
N LYS A 21 -17.97 7.61 -4.45
CA LYS A 21 -18.28 8.81 -5.24
C LYS A 21 -17.18 9.82 -5.39
N TRP A 22 -17.12 10.42 -6.57
CA TRP A 22 -16.11 11.42 -6.82
C TRP A 22 -16.52 12.75 -6.24
N VAL A 23 -15.55 13.45 -5.65
CA VAL A 23 -15.82 14.75 -5.06
C VAL A 23 -14.66 15.70 -5.36
N ASP A 24 -14.95 16.79 -6.06
CA ASP A 24 -13.90 17.76 -6.37
C ASP A 24 -13.64 18.65 -5.17
N VAL A 25 -12.39 18.69 -4.73
CA VAL A 25 -12.02 19.54 -3.60
C VAL A 25 -11.17 20.62 -4.24
N THR A 26 -11.63 21.85 -4.19
CA THR A 26 -10.90 22.95 -4.80
C THR A 26 -9.91 23.59 -3.85
N THR A 27 -8.90 24.20 -4.44
CA THR A 27 -7.86 24.86 -3.67
C THR A 27 -8.44 25.97 -2.80
N SER A 28 -9.41 26.70 -3.35
CA SER A 28 -10.06 27.80 -2.63
C SER A 28 -10.85 27.26 -1.46
N GLU A 29 -11.62 26.21 -1.72
CA GLU A 29 -12.42 25.58 -0.69
C GLU A 29 -11.54 25.28 0.53
N LEU A 30 -10.34 24.76 0.28
CA LEU A 30 -9.43 24.41 1.36
C LEU A 30 -8.79 25.57 2.08
N PHE A 31 -8.29 26.53 1.30
CA PHE A 31 -7.59 27.67 1.87
C PHE A 31 -8.29 29.00 2.15
N ASP A 32 -9.24 29.40 1.31
CA ASP A 32 -9.93 30.68 1.51
C ASP A 32 -10.46 30.96 2.91
N ASN A 33 -10.19 32.16 3.41
CA ASN A 33 -10.65 32.57 4.73
C ASN A 33 -10.33 31.54 5.81
N LYS A 34 -9.19 30.87 5.67
CA LYS A 34 -8.82 29.88 6.66
C LYS A 34 -7.32 29.86 6.94
N THR A 35 -6.95 29.42 8.14
CA THR A 35 -5.55 29.28 8.51
C THR A 35 -5.23 27.78 8.38
N VAL A 36 -4.38 27.44 7.41
CA VAL A 36 -4.06 26.03 7.21
C VAL A 36 -2.59 25.66 7.27
N ILE A 37 -2.33 24.50 7.86
CA ILE A 37 -0.97 23.98 7.94
C ILE A 37 -0.91 22.90 6.86
N VAL A 38 0.18 22.88 6.12
CA VAL A 38 0.33 21.89 5.07
C VAL A 38 1.71 21.29 5.10
N PHE A 39 1.79 20.01 4.80
CA PHE A 39 3.10 19.36 4.70
C PHE A 39 3.05 18.30 3.62
N SER A 40 3.95 18.43 2.65
CA SER A 40 4.03 17.50 1.53
C SER A 40 5.00 16.35 1.79
N LEU A 41 4.70 15.19 1.22
CA LEU A 41 5.53 14.00 1.37
C LEU A 41 5.90 13.47 0.00
N PRO A 42 7.04 12.77 -0.09
CA PRO A 42 7.43 12.23 -1.40
C PRO A 42 6.37 11.24 -1.89
N GLY A 43 5.81 10.46 -0.97
CA GLY A 43 4.78 9.52 -1.39
C GLY A 43 4.08 8.73 -0.30
N ALA A 44 2.93 8.14 -0.62
CA ALA A 44 2.15 7.33 0.32
C ALA A 44 2.74 5.95 0.49
N PHE A 45 2.56 5.38 1.68
CA PHE A 45 3.06 4.06 2.06
C PHE A 45 4.59 4.02 2.23
N THR A 46 5.19 4.98 2.94
CA THR A 46 6.63 4.95 3.10
C THR A 46 7.17 5.25 4.52
N PRO A 47 8.37 4.72 4.84
CA PRO A 47 9.13 4.82 6.10
C PRO A 47 9.20 6.15 6.84
N THR A 48 10.08 7.06 6.42
CA THR A 48 10.20 8.35 7.13
C THR A 48 8.96 9.24 7.09
N CYS A 49 8.05 8.97 6.13
CA CYS A 49 6.81 9.75 5.99
C CYS A 49 5.75 9.25 6.98
N SER A 50 5.71 7.94 7.19
CA SER A 50 4.77 7.34 8.15
C SER A 50 5.51 7.17 9.47
N SER A 51 6.83 7.38 9.44
CA SER A 51 7.69 7.24 10.63
C SER A 51 7.20 8.14 11.74
N SER A 52 7.25 9.45 11.50
CA SER A 52 6.79 10.40 12.49
C SER A 52 6.22 11.63 11.83
N HIS A 53 6.74 11.97 10.65
CA HIS A 53 6.26 13.15 9.93
C HIS A 53 4.75 13.21 9.99
N LEU A 54 4.11 12.08 9.73
CA LEU A 54 2.65 12.03 9.72
C LEU A 54 1.99 11.88 11.08
N PRO A 55 2.45 10.93 11.90
CA PRO A 55 1.85 10.73 13.23
C PRO A 55 1.95 12.00 14.06
N ARG A 56 3.17 12.52 14.13
CA ARG A 56 3.47 13.73 14.88
C ARG A 56 2.53 14.88 14.55
N TYR A 57 2.10 15.00 13.29
CA TYR A 57 1.18 16.07 12.93
C TYR A 57 -0.23 15.77 13.42
N ASN A 58 -0.62 14.51 13.34
CA ASN A 58 -1.95 14.11 13.78
C ASN A 58 -2.03 14.27 15.29
N GLU A 59 -0.92 14.01 15.96
CA GLU A 59 -0.87 14.12 17.40
C GLU A 59 -0.98 15.57 17.91
N LEU A 60 -0.31 16.49 17.23
CA LEU A 60 -0.35 17.88 17.65
C LEU A 60 -1.50 18.68 17.03
N ALA A 61 -2.33 18.04 16.22
CA ALA A 61 -3.46 18.72 15.57
C ALA A 61 -4.36 19.45 16.56
N PRO A 62 -4.74 18.79 17.67
CA PRO A 62 -5.60 19.45 18.64
C PRO A 62 -4.98 20.75 19.12
N VAL A 63 -3.65 20.74 19.30
CA VAL A 63 -2.95 21.94 19.74
C VAL A 63 -2.97 23.05 18.68
N PHE A 64 -2.73 22.68 17.42
CA PHE A 64 -2.74 23.68 16.35
C PHE A 64 -4.13 24.33 16.26
N LYS A 65 -5.16 23.52 16.48
CA LYS A 65 -6.54 23.99 16.43
C LYS A 65 -6.71 25.01 17.58
N LYS A 66 -6.18 24.66 18.74
CA LYS A 66 -6.27 25.54 19.89
C LYS A 66 -5.58 26.86 19.61
N TYR A 67 -4.67 26.87 18.64
CA TYR A 67 -3.95 28.09 18.28
C TYR A 67 -4.43 28.74 16.99
N GLY A 68 -5.62 28.38 16.54
CA GLY A 68 -6.16 29.02 15.35
C GLY A 68 -6.08 28.30 14.04
N VAL A 69 -5.29 27.23 13.96
CA VAL A 69 -5.19 26.49 12.71
C VAL A 69 -6.51 25.76 12.48
N ASP A 70 -7.11 25.99 11.31
CA ASP A 70 -8.37 25.36 10.96
C ASP A 70 -8.17 23.93 10.52
N ASP A 71 -7.37 23.75 9.48
CA ASP A 71 -7.09 22.44 8.92
C ASP A 71 -5.60 22.18 8.78
N ILE A 72 -5.25 20.92 8.88
CA ILE A 72 -3.88 20.45 8.71
C ILE A 72 -3.95 19.43 7.58
N LEU A 73 -3.32 19.74 6.46
CA LEU A 73 -3.36 18.85 5.30
C LEU A 73 -2.07 18.13 5.01
N VAL A 74 -2.19 16.93 4.45
CA VAL A 74 -1.03 16.13 4.06
C VAL A 74 -1.19 16.09 2.56
N VAL A 75 -0.15 16.48 1.84
CA VAL A 75 -0.24 16.48 0.40
C VAL A 75 0.80 15.55 -0.16
N SER A 76 0.42 14.75 -1.14
CA SER A 76 1.33 13.81 -1.76
C SER A 76 0.93 13.61 -3.21
N VAL A 77 1.91 13.46 -4.08
CA VAL A 77 1.61 13.26 -5.47
C VAL A 77 1.24 11.81 -5.62
N ASN A 78 0.00 11.53 -5.26
CA ASN A 78 -0.61 10.21 -5.34
C ASN A 78 -2.08 10.47 -5.66
N ASP A 79 -2.80 9.44 -6.08
CA ASP A 79 -4.21 9.56 -6.40
C ASP A 79 -5.03 9.25 -5.14
N THR A 80 -6.35 9.47 -5.19
CA THR A 80 -7.17 9.20 -4.01
C THR A 80 -7.22 7.75 -3.63
N PHE A 81 -7.33 6.88 -4.61
CA PHE A 81 -7.40 5.47 -4.25
C PHE A 81 -6.22 5.13 -3.37
N VAL A 82 -5.03 5.49 -3.81
CA VAL A 82 -3.86 5.19 -3.00
C VAL A 82 -3.86 6.04 -1.73
N MSE A 83 -4.25 7.30 -1.82
CA MSE A 83 -4.25 8.14 -0.62
C MSE A 83 -5.20 7.60 0.45
O MSE A 83 -4.87 7.54 1.63
CB MSE A 83 -4.63 9.59 -0.95
CG MSE A 83 -3.47 10.46 -1.43
SE MSE A 83 -1.98 10.65 -0.17
CE MSE A 83 -2.44 12.36 0.61
N ASN A 84 -6.39 7.20 0.02
CA ASN A 84 -7.37 6.67 0.96
C ASN A 84 -6.85 5.39 1.59
N ALA A 85 -6.44 4.44 0.74
CA ALA A 85 -5.93 3.17 1.23
C ALA A 85 -4.81 3.36 2.24
N TRP A 86 -4.10 4.47 2.15
CA TRP A 86 -3.00 4.77 3.07
C TRP A 86 -3.56 5.43 4.32
N LYS A 87 -4.48 6.37 4.11
CA LYS A 87 -5.11 7.09 5.20
C LYS A 87 -5.77 6.07 6.13
N GLU A 88 -6.23 4.97 5.54
CA GLU A 88 -6.90 3.91 6.28
C GLU A 88 -5.91 3.06 7.06
N ASP A 89 -4.70 2.96 6.53
CA ASP A 89 -3.63 2.17 7.16
C ASP A 89 -3.11 2.99 8.34
N GLU A 90 -2.85 4.26 8.10
CA GLU A 90 -2.39 5.16 9.13
C GLU A 90 -3.65 5.45 9.92
N LYS A 91 -3.49 5.73 11.19
CA LYS A 91 -4.67 6.02 11.99
C LYS A 91 -4.52 7.47 12.42
N SER A 92 -4.88 8.36 11.49
CA SER A 92 -4.79 9.79 11.70
C SER A 92 -6.09 10.47 11.32
N GLU A 93 -6.98 10.60 12.29
CA GLU A 93 -8.28 11.22 12.09
C GLU A 93 -8.27 12.73 12.19
N ASN A 94 -7.11 13.32 12.46
CA ASN A 94 -7.03 14.78 12.61
C ASN A 94 -6.52 15.56 11.40
N ILE A 95 -6.21 14.88 10.30
CA ILE A 95 -5.68 15.58 9.14
C ILE A 95 -6.36 15.15 7.86
N SER A 96 -6.44 16.08 6.90
CA SER A 96 -7.05 15.77 5.63
C SER A 96 -5.98 15.32 4.64
N PHE A 97 -6.30 14.32 3.83
CA PHE A 97 -5.37 13.81 2.83
C PHE A 97 -5.71 14.42 1.49
N ILE A 98 -4.73 15.08 0.87
CA ILE A 98 -4.94 15.70 -0.42
C ILE A 98 -4.20 14.94 -1.52
N PRO A 99 -4.95 14.36 -2.46
CA PRO A 99 -4.36 13.59 -3.55
C PRO A 99 -3.92 14.45 -4.75
N ASP A 100 -2.72 15.01 -4.66
CA ASP A 100 -2.17 15.83 -5.72
C ASP A 100 -1.55 14.91 -6.79
N GLY A 101 -2.33 13.93 -7.21
CA GLY A 101 -1.89 12.97 -8.21
C GLY A 101 -1.34 13.46 -9.52
N ASN A 102 -1.68 14.67 -9.95
CA ASN A 102 -1.14 15.15 -11.19
C ASN A 102 0.08 16.01 -10.91
N GLY A 103 0.41 16.14 -9.63
CA GLY A 103 1.56 16.95 -9.24
C GLY A 103 1.33 18.41 -9.51
N GLU A 104 0.12 18.74 -9.93
CA GLU A 104 -0.25 20.11 -10.24
C GLU A 104 0.02 21.08 -9.10
N PHE A 105 -0.61 20.86 -7.94
CA PHE A 105 -0.41 21.74 -6.79
C PHE A 105 1.06 21.81 -6.39
N THR A 106 1.71 20.65 -6.33
CA THR A 106 3.12 20.53 -5.98
C THR A 106 3.96 21.33 -6.96
N GLU A 107 3.61 21.25 -8.24
CA GLU A 107 4.32 21.97 -9.28
C GLU A 107 4.13 23.47 -9.06
N GLY A 108 2.88 23.88 -8.88
CA GLY A 108 2.61 25.28 -8.63
C GLY A 108 3.40 25.79 -7.44
N MSE A 109 3.67 24.93 -6.47
CA MSE A 109 4.43 25.34 -5.29
C MSE A 109 5.93 25.28 -5.56
O MSE A 109 6.74 25.40 -4.65
CB MSE A 109 4.10 24.45 -4.09
CG MSE A 109 2.74 24.72 -3.43
SE MSE A 109 2.50 26.53 -2.74
CE MSE A 109 4.00 26.59 -1.53
N GLY A 110 6.28 25.07 -6.82
CA GLY A 110 7.69 24.97 -7.18
C GLY A 110 8.39 23.88 -6.39
N MSE A 111 7.61 22.90 -5.93
CA MSE A 111 8.16 21.81 -5.13
C MSE A 111 8.20 20.47 -5.81
O MSE A 111 8.50 19.47 -5.17
CB MSE A 111 7.36 21.69 -3.83
CG MSE A 111 7.60 22.84 -2.86
SE MSE A 111 9.43 22.87 -2.24
CE MSE A 111 10.18 24.18 -3.44
N LEU A 112 7.92 20.42 -7.10
CA LEU A 112 7.90 19.15 -7.83
C LEU A 112 9.31 18.74 -8.19
N VAL A 113 9.71 17.54 -7.76
CA VAL A 113 11.04 17.06 -8.06
C VAL A 113 10.99 15.67 -8.67
N GLY A 114 12.06 15.30 -9.36
CA GLY A 114 12.11 14.00 -9.96
C GLY A 114 12.70 13.04 -8.96
N LYS A 115 12.19 11.82 -8.92
CA LYS A 115 12.70 10.81 -8.01
C LYS A 115 12.72 9.46 -8.71
N GLU A 116 13.12 9.48 -9.98
CA GLU A 116 13.20 8.29 -10.79
C GLU A 116 14.14 7.25 -10.22
N ASP A 117 15.07 7.67 -9.36
CA ASP A 117 16.02 6.72 -8.79
C ASP A 117 15.38 5.78 -7.77
N LEU A 118 14.10 6.02 -7.47
CA LEU A 118 13.35 5.18 -6.56
C LEU A 118 12.17 4.62 -7.31
N GLY A 119 11.95 5.12 -8.53
CA GLY A 119 10.85 4.66 -9.34
C GLY A 119 9.56 5.35 -8.96
N PHE A 120 9.67 6.57 -8.43
CA PHE A 120 8.52 7.36 -8.03
C PHE A 120 8.12 8.39 -9.07
N GLY A 121 8.86 8.45 -10.17
CA GLY A 121 8.56 9.44 -11.18
C GLY A 121 8.65 10.78 -10.50
N LYS A 122 7.83 11.74 -10.91
CA LYS A 122 7.89 13.06 -10.28
C LYS A 122 7.04 13.04 -9.02
N ARG A 123 7.62 13.55 -7.93
CA ARG A 123 6.91 13.60 -6.66
C ARG A 123 7.18 14.92 -5.96
N SER A 124 6.62 15.09 -4.77
CA SER A 124 6.85 16.32 -4.06
C SER A 124 8.08 16.22 -3.17
N TRP A 125 8.71 17.36 -2.97
CA TRP A 125 9.88 17.48 -2.12
C TRP A 125 9.28 17.75 -0.76
N ARG A 126 9.88 17.23 0.31
CA ARG A 126 9.34 17.43 1.64
C ARG A 126 9.40 18.86 2.14
N TYR A 127 8.25 19.39 2.55
CA TYR A 127 8.17 20.73 3.08
C TYR A 127 6.85 20.93 3.79
N SER A 128 6.80 21.89 4.70
CA SER A 128 5.56 22.19 5.41
C SER A 128 5.37 23.68 5.22
N MSE A 129 4.17 24.16 5.53
CA MSE A 129 3.90 25.59 5.40
C MSE A 129 2.64 25.98 6.14
O MSE A 129 1.83 25.13 6.49
CB MSE A 129 3.78 25.99 3.92
CG MSE A 129 2.58 25.40 3.20
SE MSE A 129 2.54 26.09 1.40
CE MSE A 129 1.12 24.97 0.67
N LEU A 130 2.52 27.28 6.41
CA LEU A 130 1.37 27.84 7.09
C LEU A 130 0.73 28.74 6.07
N VAL A 131 -0.56 28.55 5.85
CA VAL A 131 -1.26 29.35 4.84
C VAL A 131 -2.41 30.12 5.44
N LYS A 132 -2.36 31.43 5.26
CA LYS A 132 -3.42 32.30 5.76
C LYS A 132 -4.19 32.88 4.60
N ASN A 133 -5.44 32.47 4.50
CA ASN A 133 -6.35 32.90 3.44
C ASN A 133 -5.76 32.75 2.04
N GLY A 134 -5.15 31.60 1.79
CA GLY A 134 -4.58 31.34 0.47
C GLY A 134 -3.20 31.90 0.23
N VAL A 135 -2.71 32.70 1.16
CA VAL A 135 -1.39 33.29 1.01
C VAL A 135 -0.37 32.61 1.90
N VAL A 136 0.62 32.02 1.26
CA VAL A 136 1.69 31.30 1.96
C VAL A 136 2.36 32.29 2.91
N GLU A 137 2.33 31.98 4.20
CA GLU A 137 2.92 32.89 5.17
C GLU A 137 4.34 32.46 5.49
N LYS A 138 4.47 31.20 5.85
CA LYS A 138 5.76 30.65 6.21
C LYS A 138 5.96 29.34 5.48
N MSE A 139 7.21 29.01 5.19
CA MSE A 139 7.53 27.78 4.48
C MSE A 139 8.79 27.13 5.00
O MSE A 139 9.83 27.77 5.10
CB MSE A 139 7.66 28.06 3.00
CG MSE A 139 7.00 27.03 2.14
SE MSE A 139 6.99 27.60 0.32
CE MSE A 139 7.79 26.02 -0.49
N PHE A 140 8.71 25.85 5.35
CA PHE A 140 9.86 25.12 5.84
C PHE A 140 10.25 24.06 4.84
N ILE A 141 11.14 24.43 3.93
CA ILE A 141 11.64 23.58 2.87
C ILE A 141 12.84 22.80 3.36
N GLU A 142 12.73 21.48 3.30
CA GLU A 142 13.80 20.59 3.75
C GLU A 142 15.05 20.87 2.92
N PRO A 143 16.24 20.86 3.53
CA PRO A 143 17.46 21.13 2.74
C PRO A 143 17.73 20.18 1.57
N ASN A 144 18.46 20.64 0.57
CA ASN A 144 18.75 19.81 -0.59
C ASN A 144 19.90 18.87 -0.32
N GLU A 145 19.64 17.84 0.46
CA GLU A 145 20.67 16.87 0.78
C GLU A 145 20.24 15.54 0.25
N PRO A 146 21.19 14.64 0.00
CA PRO A 146 20.86 13.31 -0.52
C PRO A 146 20.02 12.49 0.45
N GLY A 147 19.51 11.37 -0.01
CA GLY A 147 18.70 10.56 0.87
C GLY A 147 17.33 11.13 1.11
N ASP A 148 16.87 11.08 2.36
CA ASP A 148 15.55 11.56 2.71
C ASP A 148 15.59 12.49 3.92
N PRO A 149 16.01 13.76 3.72
CA PRO A 149 16.11 14.79 4.74
C PRO A 149 14.80 15.13 5.46
N PHE A 150 14.87 15.23 6.79
CA PHE A 150 13.72 15.52 7.62
C PHE A 150 14.24 16.20 8.88
N LYS A 151 14.33 17.52 8.84
CA LYS A 151 14.82 18.29 9.96
C LYS A 151 14.27 19.72 9.94
N VAL A 152 13.18 19.92 9.21
CA VAL A 152 12.59 21.25 9.12
C VAL A 152 11.08 21.22 8.89
N SER A 153 10.58 20.18 8.23
CA SER A 153 9.16 20.10 7.95
C SER A 153 8.35 19.41 9.04
N ASP A 154 9.03 18.98 10.10
CA ASP A 154 8.38 18.30 11.23
C ASP A 154 7.30 19.16 11.85
N ALA A 155 6.43 18.54 12.65
CA ALA A 155 5.36 19.28 13.31
C ALA A 155 5.85 20.22 14.42
N ASP A 156 6.90 19.80 15.13
CA ASP A 156 7.44 20.64 16.19
C ASP A 156 7.95 21.97 15.64
N THR A 157 8.86 21.91 14.68
CA THR A 157 9.37 23.14 14.08
C THR A 157 8.21 24.06 13.75
N MSE A 158 7.12 23.48 13.28
CA MSE A 158 5.94 24.25 12.91
C MSE A 158 5.32 24.88 14.12
O MSE A 158 5.00 26.08 14.14
CB MSE A 158 4.92 23.36 12.20
CG MSE A 158 3.66 24.08 11.78
SE MSE A 158 3.98 25.59 10.59
CE MSE A 158 4.12 24.65 8.90
N LEU A 159 5.13 24.07 15.15
CA LEU A 159 4.51 24.54 16.36
C LEU A 159 5.31 25.66 16.98
N LYS A 160 6.63 25.48 17.09
CA LYS A 160 7.49 26.49 17.67
C LYS A 160 7.41 27.78 16.89
N TYR A 161 7.07 27.68 15.61
CA TYR A 161 6.95 28.85 14.76
C TYR A 161 5.60 29.53 14.95
N LEU A 162 4.56 28.72 15.03
CA LEU A 162 3.19 29.21 15.18
C LEU A 162 2.92 29.73 16.59
N ALA A 163 3.40 29.01 17.59
CA ALA A 163 3.20 29.40 18.96
C ALA A 163 4.47 29.23 19.76
N PRO A 164 5.47 30.08 19.51
CA PRO A 164 6.71 29.96 20.26
C PRO A 164 6.50 30.04 21.76
N GLN A 165 5.41 30.69 22.18
CA GLN A 165 5.09 30.81 23.61
C GLN A 165 4.91 29.44 24.19
N HIS A 166 4.25 28.58 23.43
CA HIS A 166 4.04 27.24 23.88
C HIS A 166 5.41 26.68 24.16
N GLN A 167 5.65 26.24 25.40
CA GLN A 167 6.96 25.71 25.72
C GLN A 167 7.11 24.31 25.14
N VAL A 168 8.30 24.04 24.61
CA VAL A 168 8.64 22.74 24.02
C VAL A 168 8.61 21.62 25.07
N GLN A 169 7.73 20.63 24.92
CA GLN A 169 7.67 19.52 25.88
C GLN A 169 8.86 18.60 25.61
N GLU A 170 9.47 18.08 26.68
CA GLU A 170 10.62 17.19 26.56
C GLU A 170 10.25 15.87 25.88
N SER A 171 11.20 15.28 25.15
CA SER A 171 10.98 14.01 24.46
C SER A 171 10.98 12.90 25.52
N ILE A 172 10.03 11.96 25.42
CA ILE A 172 9.94 10.89 26.41
C ILE A 172 9.81 9.48 25.83
N SER A 173 10.81 8.65 26.10
CA SER A 173 10.82 7.27 25.61
C SER A 173 10.85 6.39 26.85
N ILE A 174 10.18 5.25 26.78
CA ILE A 174 10.12 4.34 27.92
C ILE A 174 10.25 2.86 27.59
N PHE A 175 11.25 2.20 28.16
CA PHE A 175 11.43 0.77 27.96
C PHE A 175 10.52 0.09 28.97
N THR A 176 9.67 -0.81 28.47
CA THR A 176 8.72 -1.50 29.32
C THR A 176 8.59 -2.97 28.93
N LYS A 177 8.25 -3.81 29.90
CA LYS A 177 8.04 -5.23 29.65
C LYS A 177 6.52 -5.40 29.72
N PRO A 178 5.94 -6.23 28.84
CA PRO A 178 4.48 -6.43 28.88
C PRO A 178 4.01 -6.80 30.30
N GLY A 179 2.88 -6.20 30.70
CA GLY A 179 2.35 -6.46 32.03
C GLY A 179 3.17 -5.66 33.03
N CYS A 180 4.40 -6.13 33.28
CA CYS A 180 5.34 -5.47 34.19
C CYS A 180 4.68 -4.46 35.12
N PRO A 181 4.31 -4.88 36.33
CA PRO A 181 3.68 -4.01 37.32
C PRO A 181 4.11 -2.54 37.27
N PHE A 182 5.25 -2.20 37.87
CA PHE A 182 5.70 -0.81 37.91
C PHE A 182 5.81 -0.04 36.58
N CYS A 183 5.71 -0.72 35.44
CA CYS A 183 5.77 -0.03 34.16
C CYS A 183 4.51 0.83 34.05
N ALA A 184 3.35 0.21 34.23
CA ALA A 184 2.07 0.92 34.19
C ALA A 184 2.08 2.08 35.18
N LYS A 185 2.95 1.97 36.19
CA LYS A 185 3.07 2.99 37.23
C LYS A 185 3.78 4.24 36.71
N ALA A 186 4.43 4.11 35.55
CA ALA A 186 5.12 5.24 34.94
C ALA A 186 4.30 5.71 33.75
N LYS A 187 3.70 4.76 33.03
CA LYS A 187 2.87 5.06 31.86
C LYS A 187 1.75 6.03 32.23
N GLN A 188 0.73 5.52 32.94
CA GLN A 188 -0.41 6.33 33.34
C GLN A 188 0.00 7.53 34.18
N LEU A 189 1.13 7.44 34.88
CA LEU A 189 1.62 8.56 35.68
C LEU A 189 1.92 9.70 34.69
N LEU A 190 2.41 9.32 33.51
CA LEU A 190 2.72 10.25 32.44
C LEU A 190 1.40 10.82 31.94
N HIS A 191 0.47 9.92 31.59
CA HIS A 191 -0.85 10.33 31.10
C HIS A 191 -1.43 11.33 32.10
N ASP A 192 -1.45 10.93 33.36
CA ASP A 192 -1.96 11.76 34.45
C ASP A 192 -1.23 13.09 34.43
N LYS A 193 0.07 13.04 34.15
CA LYS A 193 0.91 14.24 34.08
C LYS A 193 0.69 14.95 32.75
N GLY A 194 -0.11 14.32 31.88
CA GLY A 194 -0.42 14.88 30.58
C GLY A 194 0.82 15.08 29.72
N LEU A 195 1.61 14.02 29.55
CA LEU A 195 2.81 14.10 28.74
C LEU A 195 2.83 12.98 27.69
N SER A 196 3.24 13.32 26.47
CA SER A 196 3.30 12.35 25.39
C SER A 196 4.61 11.57 25.51
N PHE A 197 4.63 10.35 24.97
CA PHE A 197 5.84 9.52 25.07
C PHE A 197 5.90 8.37 24.07
N GLU A 198 7.11 7.87 23.83
CA GLU A 198 7.32 6.76 22.93
C GLU A 198 7.73 5.56 23.78
N GLU A 199 6.90 4.53 23.75
CA GLU A 199 7.15 3.33 24.52
C GLU A 199 7.82 2.24 23.70
N ILE A 200 9.10 2.03 23.96
CA ILE A 200 9.85 0.99 23.28
C ILE A 200 9.51 -0.22 24.13
N ILE A 201 8.84 -1.21 23.56
CA ILE A 201 8.48 -2.40 24.32
C ILE A 201 9.53 -3.49 24.14
N LEU A 202 9.94 -4.10 25.25
CA LEU A 202 10.95 -5.15 25.18
C LEU A 202 10.46 -6.32 24.35
N GLY A 203 9.23 -6.21 23.87
CA GLY A 203 8.64 -7.25 23.05
C GLY A 203 9.27 -7.38 21.68
N HIS A 204 8.78 -6.63 20.70
CA HIS A 204 9.31 -6.69 19.35
C HIS A 204 10.21 -5.52 18.97
N ASP A 205 10.15 -4.44 19.74
CA ASP A 205 10.99 -3.29 19.45
C ASP A 205 12.44 -3.58 19.86
N ALA A 206 12.66 -3.83 21.15
CA ALA A 206 14.00 -4.11 21.66
C ALA A 206 14.02 -5.31 22.59
N THR A 207 15.23 -5.71 22.98
CA THR A 207 15.40 -6.82 23.91
C THR A 207 15.83 -6.22 25.24
N ILE A 208 16.63 -6.96 26.00
CA ILE A 208 17.10 -6.46 27.29
C ILE A 208 18.48 -5.84 27.12
N VAL A 209 19.18 -6.23 26.05
CA VAL A 209 20.50 -5.69 25.74
C VAL A 209 20.46 -4.18 25.73
N SER A 210 19.71 -3.63 24.78
CA SER A 210 19.57 -2.19 24.63
C SER A 210 19.41 -1.51 25.98
N VAL A 211 18.42 -1.95 26.76
CA VAL A 211 18.18 -1.37 28.07
C VAL A 211 19.50 -1.33 28.87
N ARG A 212 20.16 -2.48 28.92
CA ARG A 212 21.41 -2.61 29.65
C ARG A 212 22.53 -1.80 29.00
N ALA A 213 22.46 -1.65 27.68
CA ALA A 213 23.45 -0.89 26.91
C ALA A 213 23.21 0.61 27.01
N VAL A 214 21.95 1.00 27.04
CA VAL A 214 21.57 2.40 27.12
C VAL A 214 21.52 2.93 28.55
N SER A 215 20.76 2.25 29.39
CA SER A 215 20.59 2.65 30.78
C SER A 215 21.66 2.07 31.69
N GLY A 216 21.91 0.78 31.50
CA GLY A 216 22.89 0.10 32.34
C GLY A 216 22.12 -0.80 33.29
N ARG A 217 21.06 -0.25 33.88
CA ARG A 217 20.23 -1.01 34.80
C ARG A 217 19.87 -2.31 34.10
N THR A 218 19.60 -3.35 34.90
CA THR A 218 19.30 -4.67 34.36
C THR A 218 17.83 -5.01 34.12
N THR A 219 16.94 -4.05 34.41
CA THR A 219 15.51 -4.27 34.24
C THR A 219 14.71 -3.07 33.72
N VAL A 220 13.39 -3.30 33.59
CA VAL A 220 12.44 -2.27 33.16
C VAL A 220 11.58 -2.00 34.41
N PRO A 221 10.79 -0.92 34.41
CA PRO A 221 10.66 0.06 33.33
C PRO A 221 11.76 1.12 33.37
N GLN A 222 12.35 1.39 32.21
CA GLN A 222 13.38 2.40 32.07
C GLN A 222 12.77 3.60 31.35
N VAL A 223 13.03 4.79 31.89
CA VAL A 223 12.48 5.99 31.29
C VAL A 223 13.55 7.06 31.11
N PHE A 224 13.58 7.63 29.91
CA PHE A 224 14.52 8.71 29.59
C PHE A 224 13.64 9.87 29.15
N ILE A 225 13.90 11.04 29.71
CA ILE A 225 13.13 12.21 29.35
C ILE A 225 14.08 13.25 28.79
N GLY A 226 13.90 13.56 27.50
CA GLY A 226 14.74 14.54 26.85
C GLY A 226 16.21 14.48 27.18
N GLY A 227 16.91 13.47 26.65
CA GLY A 227 18.33 13.32 26.89
C GLY A 227 18.72 12.66 28.21
N LYS A 228 18.41 13.32 29.31
CA LYS A 228 18.75 12.82 30.63
C LYS A 228 18.06 11.48 30.96
N HIS A 229 18.80 10.62 31.65
CA HIS A 229 18.33 9.30 32.06
C HIS A 229 17.57 9.34 33.40
N ILE A 230 16.31 8.90 33.38
CA ILE A 230 15.51 8.90 34.59
C ILE A 230 15.86 7.72 35.49
N GLY A 231 15.22 6.58 35.26
CA GLY A 231 15.51 5.41 36.06
C GLY A 231 14.31 4.49 36.18
N GLY A 232 14.07 4.01 37.40
CA GLY A 232 12.94 3.12 37.64
C GLY A 232 11.68 3.91 37.93
N SER A 233 10.53 3.25 37.84
CA SER A 233 9.24 3.88 38.10
C SER A 233 9.29 4.72 39.38
N ASP A 234 10.19 4.34 40.28
CA ASP A 234 10.37 5.03 41.56
C ASP A 234 11.26 6.28 41.48
N ASP A 235 12.01 6.40 40.39
CA ASP A 235 12.88 7.57 40.21
C ASP A 235 12.04 8.63 39.50
N LEU A 236 11.18 8.17 38.60
CA LEU A 236 10.28 9.03 37.84
C LEU A 236 9.52 9.88 38.85
N GLU A 237 8.92 9.18 39.81
CA GLU A 237 8.15 9.81 40.89
C GLU A 237 8.92 10.98 41.48
N LYS A 238 10.05 10.67 42.12
CA LYS A 238 10.89 11.69 42.72
C LYS A 238 10.88 12.97 41.87
N TYR A 239 11.63 12.94 40.77
CA TYR A 239 11.71 14.09 39.85
C TYR A 239 10.38 14.28 39.12
N SER B 3 3.03 -1.84 -34.02
CA SER B 3 2.98 -2.52 -32.69
C SER B 3 4.38 -2.93 -32.23
N MSE B 4 4.45 -3.43 -31.01
CA MSE B 4 5.71 -3.88 -30.46
C MSE B 4 5.89 -5.36 -30.73
O MSE B 4 6.91 -5.94 -30.38
CB MSE B 4 5.74 -3.63 -28.95
CG MSE B 4 6.01 -2.21 -28.57
SE MSE B 4 7.78 -1.63 -29.13
CE MSE B 4 8.88 -2.60 -27.87
N GLU B 5 4.88 -5.96 -31.35
CA GLU B 5 4.94 -7.37 -31.65
C GLU B 5 6.19 -7.65 -32.47
N GLY B 6 6.93 -8.69 -32.08
CA GLY B 6 8.14 -9.05 -32.78
C GLY B 6 9.33 -8.21 -32.34
N LYS B 7 9.08 -7.21 -31.51
CA LYS B 7 10.17 -6.35 -31.05
C LYS B 7 10.64 -6.70 -29.64
N LYS B 8 11.83 -6.24 -29.31
CA LYS B 8 12.38 -6.52 -28.00
C LYS B 8 11.76 -5.58 -26.97
N VAL B 9 11.47 -6.17 -25.81
CA VAL B 9 10.88 -5.46 -24.70
C VAL B 9 11.91 -4.41 -24.26
N PRO B 10 11.47 -3.25 -23.75
CA PRO B 10 12.36 -2.17 -23.31
C PRO B 10 13.36 -2.59 -22.23
N GLN B 11 14.56 -2.03 -22.28
CA GLN B 11 15.57 -2.34 -21.26
C GLN B 11 15.32 -1.41 -20.08
N VAL B 12 14.79 -1.97 -19.00
CA VAL B 12 14.47 -1.19 -17.80
C VAL B 12 14.95 -1.87 -16.54
N THR B 13 15.37 -1.09 -15.56
CA THR B 13 15.80 -1.62 -14.27
C THR B 13 14.79 -1.11 -13.26
N PHE B 14 14.03 -2.00 -12.65
CA PHE B 14 13.03 -1.57 -11.68
C PHE B 14 13.54 -1.50 -10.25
N ARG B 15 13.31 -0.36 -9.62
CA ARG B 15 13.69 -0.18 -8.23
C ARG B 15 12.58 -0.80 -7.40
N THR B 16 12.84 -1.95 -6.79
CA THR B 16 11.84 -2.63 -5.97
C THR B 16 12.26 -2.75 -4.52
N ARG B 17 11.33 -3.19 -3.68
CA ARG B 17 11.59 -3.35 -2.25
C ARG B 17 11.33 -4.79 -1.83
N GLN B 18 12.40 -5.54 -1.64
CA GLN B 18 12.31 -6.93 -1.22
C GLN B 18 12.78 -6.94 0.22
N GLY B 19 11.94 -7.49 1.09
CA GLY B 19 12.28 -7.49 2.51
C GLY B 19 12.26 -6.02 2.87
N ASP B 20 13.12 -5.62 3.79
CA ASP B 20 13.18 -4.23 4.20
C ASP B 20 14.37 -3.59 3.49
N LYS B 21 14.71 -4.12 2.31
CA LYS B 21 15.83 -3.59 1.53
C LYS B 21 15.48 -3.41 0.05
N TRP B 22 16.26 -2.58 -0.63
CA TRP B 22 16.06 -2.31 -2.05
C TRP B 22 16.69 -3.37 -2.95
N VAL B 23 15.98 -3.74 -4.01
CA VAL B 23 16.46 -4.75 -4.93
C VAL B 23 16.13 -4.36 -6.36
N ASP B 24 17.15 -4.22 -7.18
CA ASP B 24 16.96 -3.88 -8.59
C ASP B 24 16.57 -5.11 -9.38
N VAL B 25 15.42 -5.05 -10.03
CA VAL B 25 14.95 -6.16 -10.85
C VAL B 25 15.08 -5.65 -12.27
N THR B 26 15.98 -6.24 -13.05
CA THR B 26 16.17 -5.80 -14.42
C THR B 26 15.24 -6.48 -15.40
N THR B 27 15.01 -5.79 -16.51
CA THR B 27 14.13 -6.28 -17.56
C THR B 27 14.64 -7.62 -18.10
N SER B 28 15.96 -7.73 -18.25
CA SER B 28 16.56 -8.96 -18.77
C SER B 28 16.33 -10.09 -17.79
N GLU B 29 16.56 -9.81 -16.52
CA GLU B 29 16.36 -10.82 -15.49
C GLU B 29 14.96 -11.43 -15.59
N LEU B 30 13.97 -10.58 -15.83
CA LEU B 30 12.58 -11.04 -15.95
C LEU B 30 12.25 -11.78 -17.25
N PHE B 31 12.71 -11.25 -18.37
CA PHE B 31 12.39 -11.84 -19.66
C PHE B 31 13.35 -12.76 -20.39
N ASP B 32 14.65 -12.56 -20.22
CA ASP B 32 15.64 -13.39 -20.92
C ASP B 32 15.44 -14.89 -20.75
N ASN B 33 15.55 -15.63 -21.85
CA ASN B 33 15.41 -17.08 -21.83
C ASN B 33 14.19 -17.55 -21.06
N LYS B 34 13.10 -16.80 -21.15
CA LYS B 34 11.89 -17.17 -20.43
C LYS B 34 10.63 -16.81 -21.19
N THR B 35 9.55 -17.56 -20.94
CA THR B 35 8.28 -17.27 -21.57
C THR B 35 7.43 -16.59 -20.51
N VAL B 36 7.12 -15.32 -20.73
CA VAL B 36 6.38 -14.57 -19.73
C VAL B 36 5.08 -13.96 -20.22
N ILE B 37 4.09 -13.94 -19.32
CA ILE B 37 2.81 -13.33 -19.62
C ILE B 37 2.84 -12.04 -18.84
N VAL B 38 2.35 -10.97 -19.44
CA VAL B 38 2.33 -9.67 -18.79
C VAL B 38 1.03 -8.98 -19.05
N PHE B 39 0.54 -8.26 -18.05
CA PHE B 39 -0.66 -7.47 -18.23
C PHE B 39 -0.53 -6.21 -17.39
N SER B 40 -0.70 -5.07 -18.05
CA SER B 40 -0.60 -3.77 -17.42
C SER B 40 -1.94 -3.27 -16.94
N LEU B 41 -1.92 -2.48 -15.88
CA LEU B 41 -3.13 -1.91 -15.30
C LEU B 41 -2.95 -0.40 -15.14
N PRO B 42 -4.05 0.35 -15.19
CA PRO B 42 -3.92 1.80 -15.03
C PRO B 42 -3.29 2.14 -13.66
N GLY B 43 -3.67 1.40 -12.62
CA GLY B 43 -3.09 1.69 -11.32
C GLY B 43 -3.51 0.79 -10.16
N ALA B 44 -2.70 0.80 -9.11
CA ALA B 44 -2.95 -0.01 -7.92
C ALA B 44 -4.02 0.61 -7.04
N PHE B 45 -4.89 -0.23 -6.48
CA PHE B 45 -5.97 0.21 -5.59
C PHE B 45 -7.09 0.91 -6.32
N THR B 46 -6.88 1.26 -7.58
CA THR B 46 -7.96 1.91 -8.32
C THR B 46 -9.00 0.83 -8.45
N PRO B 47 -10.27 1.19 -8.73
CA PRO B 47 -11.21 0.07 -8.84
C PRO B 47 -10.54 -0.82 -9.86
N THR B 48 -10.07 -1.99 -9.44
CA THR B 48 -9.40 -2.89 -10.38
C THR B 48 -10.34 -3.06 -11.59
N CYS B 49 -11.51 -2.42 -11.48
CA CYS B 49 -12.56 -2.38 -12.50
C CYS B 49 -13.17 -3.74 -12.77
N SER B 50 -12.49 -4.76 -12.26
CA SER B 50 -12.92 -6.13 -12.41
C SER B 50 -12.25 -6.84 -11.26
N SER B 51 -13.00 -6.98 -10.17
CA SER B 51 -12.50 -7.65 -8.98
C SER B 51 -12.17 -9.10 -9.37
N SER B 52 -11.99 -9.31 -10.67
CA SER B 52 -11.68 -10.62 -11.21
C SER B 52 -10.47 -10.55 -12.14
N HIS B 53 -10.28 -9.44 -12.83
CA HIS B 53 -9.15 -9.31 -13.72
C HIS B 53 -7.86 -9.84 -13.06
N LEU B 54 -7.27 -9.11 -12.11
CA LEU B 54 -6.06 -9.57 -11.43
C LEU B 54 -6.23 -10.96 -10.82
N PRO B 55 -7.37 -11.22 -10.18
CA PRO B 55 -7.63 -12.53 -9.56
C PRO B 55 -7.57 -13.67 -10.57
N ARG B 56 -8.30 -13.52 -11.67
CA ARG B 56 -8.35 -14.54 -12.71
C ARG B 56 -6.98 -14.94 -13.26
N TYR B 57 -6.03 -14.01 -13.27
CA TYR B 57 -4.70 -14.33 -13.76
C TYR B 57 -4.03 -15.19 -12.71
N ASN B 58 -4.17 -14.80 -11.45
CA ASN B 58 -3.57 -15.55 -10.36
C ASN B 58 -4.21 -16.93 -10.30
N GLU B 59 -5.50 -17.00 -10.67
CA GLU B 59 -6.20 -18.26 -10.64
C GLU B 59 -5.77 -19.23 -11.74
N LEU B 60 -5.53 -18.71 -12.95
CA LEU B 60 -5.13 -19.56 -14.06
C LEU B 60 -3.62 -19.73 -14.17
N ALA B 61 -2.86 -19.09 -13.28
CA ALA B 61 -1.41 -19.19 -13.33
C ALA B 61 -0.91 -20.64 -13.38
N PRO B 62 -1.46 -21.50 -12.51
CA PRO B 62 -1.01 -22.90 -12.53
C PRO B 62 -1.15 -23.49 -13.93
N VAL B 63 -2.24 -23.14 -14.62
CA VAL B 63 -2.50 -23.65 -15.96
C VAL B 63 -1.49 -23.11 -16.97
N PHE B 64 -1.19 -21.81 -16.89
CA PHE B 64 -0.21 -21.19 -17.79
C PHE B 64 1.16 -21.84 -17.61
N LYS B 65 1.46 -22.21 -16.36
CA LYS B 65 2.73 -22.86 -16.04
C LYS B 65 2.72 -24.23 -16.71
N LYS B 66 1.59 -24.90 -16.61
CA LYS B 66 1.40 -26.21 -17.23
C LYS B 66 1.67 -26.13 -18.73
N TYR B 67 1.46 -24.95 -19.32
CA TYR B 67 1.66 -24.77 -20.75
C TYR B 67 2.93 -24.04 -21.17
N GLY B 68 3.91 -23.97 -20.29
CA GLY B 68 5.15 -23.32 -20.68
C GLY B 68 5.45 -21.94 -20.15
N VAL B 69 4.43 -21.21 -19.72
CA VAL B 69 4.67 -19.88 -19.20
C VAL B 69 5.47 -19.99 -17.90
N ASP B 70 6.58 -19.27 -17.83
CA ASP B 70 7.44 -19.28 -16.65
C ASP B 70 6.90 -18.33 -15.59
N ASP B 71 6.70 -17.07 -15.98
CA ASP B 71 6.22 -16.06 -15.06
C ASP B 71 5.06 -15.28 -15.65
N ILE B 72 4.21 -14.81 -14.76
CA ILE B 72 3.06 -13.98 -15.10
C ILE B 72 3.25 -12.73 -14.28
N LEU B 73 3.46 -11.59 -14.97
CA LEU B 73 3.69 -10.33 -14.28
C LEU B 73 2.56 -9.34 -14.39
N VAL B 74 2.42 -8.51 -13.37
CA VAL B 74 1.41 -7.45 -13.35
C VAL B 74 2.27 -6.20 -13.38
N VAL B 75 1.98 -5.31 -14.32
CA VAL B 75 2.77 -4.09 -14.41
C VAL B 75 1.86 -2.92 -14.24
N SER B 76 2.29 -1.98 -13.39
CA SER B 76 1.51 -0.78 -13.13
C SER B 76 2.47 0.38 -12.88
N VAL B 77 2.10 1.56 -13.33
CA VAL B 77 2.94 2.71 -13.14
C VAL B 77 2.71 3.21 -11.72
N ASN B 78 3.29 2.47 -10.77
CA ASN B 78 3.24 2.75 -9.35
C ASN B 78 4.62 2.37 -8.82
N ASP B 79 4.95 2.77 -7.61
CA ASP B 79 6.24 2.45 -7.00
C ASP B 79 6.10 1.15 -6.18
N THR B 80 7.20 0.56 -5.73
CA THR B 80 7.13 -0.68 -4.95
C THR B 80 6.38 -0.54 -3.66
N PHE B 81 6.60 0.55 -2.93
CA PHE B 81 5.88 0.70 -1.68
C PHE B 81 4.39 0.52 -1.94
N VAL B 82 3.86 1.23 -2.93
CA VAL B 82 2.43 1.10 -3.24
C VAL B 82 2.14 -0.26 -3.83
N MSE B 83 2.99 -0.75 -4.73
CA MSE B 83 2.74 -2.07 -5.32
C MSE B 83 2.71 -3.14 -4.25
O MSE B 83 1.80 -3.98 -4.25
CB MSE B 83 3.80 -2.42 -6.36
CG MSE B 83 3.56 -1.78 -7.73
SE MSE B 83 1.93 -2.35 -8.60
CE MSE B 83 2.64 -3.76 -9.72
N ASN B 84 3.68 -3.13 -3.35
CA ASN B 84 3.73 -4.13 -2.29
C ASN B 84 2.49 -4.07 -1.42
N ALA B 85 2.18 -2.89 -0.91
CA ALA B 85 1.00 -2.70 -0.07
C ALA B 85 -0.26 -3.20 -0.75
N TRP B 86 -0.25 -3.20 -2.08
CA TRP B 86 -1.41 -3.66 -2.84
C TRP B 86 -1.34 -5.18 -3.01
N LYS B 87 -0.15 -5.68 -3.30
CA LYS B 87 0.06 -7.10 -3.47
C LYS B 87 -0.34 -7.83 -2.18
N GLU B 88 -0.12 -7.15 -1.05
CA GLU B 88 -0.44 -7.69 0.26
C GLU B 88 -1.95 -7.69 0.48
N ASP B 89 -2.63 -6.87 -0.31
CA ASP B 89 -4.07 -6.76 -0.25
C ASP B 89 -4.60 -7.90 -1.12
N GLU B 90 -4.46 -7.74 -2.45
CA GLU B 90 -4.91 -8.71 -3.44
C GLU B 90 -4.53 -10.14 -3.16
N LYS B 91 -3.46 -10.33 -2.41
CA LYS B 91 -2.96 -11.66 -2.08
C LYS B 91 -3.03 -12.61 -3.27
N SER B 92 -2.23 -12.31 -4.29
CA SER B 92 -2.17 -13.14 -5.47
C SER B 92 -0.76 -13.70 -5.56
N GLU B 93 -0.55 -14.75 -4.79
CA GLU B 93 0.74 -15.42 -4.69
C GLU B 93 1.36 -15.90 -6.00
N ASN B 94 0.54 -16.14 -7.02
CA ASN B 94 1.04 -16.66 -8.31
C ASN B 94 1.58 -15.66 -9.32
N ILE B 95 1.60 -14.37 -8.98
CA ILE B 95 2.09 -13.41 -9.95
C ILE B 95 3.05 -12.41 -9.34
N SER B 96 4.01 -11.96 -10.14
CA SER B 96 4.99 -10.99 -9.70
C SER B 96 4.47 -9.58 -9.97
N PHE B 97 4.69 -8.67 -9.03
CA PHE B 97 4.25 -7.30 -9.19
C PHE B 97 5.43 -6.45 -9.61
N ILE B 98 5.32 -5.80 -10.77
CA ILE B 98 6.40 -4.95 -11.27
C ILE B 98 6.06 -3.47 -11.12
N PRO B 99 6.83 -2.76 -10.29
CA PRO B 99 6.62 -1.33 -10.04
C PRO B 99 7.26 -0.40 -11.09
N ASP B 100 6.58 -0.21 -12.21
CA ASP B 100 7.07 0.65 -13.28
C ASP B 100 6.73 2.08 -12.91
N GLY B 101 7.14 2.48 -11.70
CA GLY B 101 6.87 3.80 -11.18
C GLY B 101 7.33 5.01 -11.98
N ASN B 102 8.28 4.87 -12.89
CA ASN B 102 8.70 6.04 -13.68
C ASN B 102 8.00 6.01 -15.03
N GLY B 103 7.16 4.99 -15.24
CA GLY B 103 6.46 4.86 -16.50
C GLY B 103 7.41 4.52 -17.63
N GLU B 104 8.66 4.26 -17.28
CA GLU B 104 9.68 3.94 -18.27
C GLU B 104 9.34 2.70 -19.13
N PHE B 105 9.09 1.55 -18.49
CA PHE B 105 8.76 0.33 -19.23
C PHE B 105 7.50 0.54 -20.05
N THR B 106 6.46 1.09 -19.43
CA THR B 106 5.18 1.36 -20.08
C THR B 106 5.37 2.27 -21.29
N GLU B 107 6.20 3.29 -21.12
CA GLU B 107 6.48 4.24 -22.17
C GLU B 107 7.14 3.47 -23.32
N GLY B 108 8.18 2.71 -23.01
CA GLY B 108 8.86 1.93 -24.02
C GLY B 108 7.91 1.03 -24.80
N MSE B 109 6.87 0.55 -24.14
CA MSE B 109 5.89 -0.31 -24.79
C MSE B 109 4.89 0.54 -25.54
O MSE B 109 3.90 0.03 -26.08
CB MSE B 109 5.16 -1.19 -23.78
CG MSE B 109 5.97 -2.35 -23.21
SE MSE B 109 6.60 -3.64 -24.54
CE MSE B 109 4.89 -4.10 -25.30
N GLY B 110 5.13 1.86 -25.59
CA GLY B 110 4.22 2.75 -26.27
C GLY B 110 2.82 2.65 -25.71
N MSE B 111 2.73 2.33 -24.43
CA MSE B 111 1.45 2.19 -23.77
C MSE B 111 1.19 3.25 -22.70
O MSE B 111 0.20 3.18 -21.96
CB MSE B 111 1.33 0.80 -23.16
CG MSE B 111 1.15 -0.31 -24.18
SE MSE B 111 -0.55 -0.26 -25.14
CE MSE B 111 0.06 0.70 -26.72
N LEU B 112 2.06 4.25 -22.62
CA LEU B 112 1.89 5.30 -21.62
C LEU B 112 0.81 6.27 -22.06
N VAL B 113 -0.17 6.48 -21.20
CA VAL B 113 -1.25 7.40 -21.52
C VAL B 113 -1.53 8.34 -20.36
N GLY B 114 -2.07 9.50 -20.67
CA GLY B 114 -2.37 10.44 -19.61
C GLY B 114 -3.74 10.18 -19.03
N LYS B 115 -3.85 10.28 -17.71
CA LYS B 115 -5.13 10.05 -17.07
C LYS B 115 -5.37 11.13 -16.03
N GLU B 116 -5.00 12.35 -16.37
CA GLU B 116 -5.16 13.47 -15.48
C GLU B 116 -6.60 13.69 -15.05
N ASP B 117 -7.56 13.16 -15.81
CA ASP B 117 -8.96 13.35 -15.47
C ASP B 117 -9.37 12.57 -14.23
N LEU B 118 -8.49 11.68 -13.77
CA LEU B 118 -8.72 10.89 -12.57
C LEU B 118 -7.70 11.26 -11.51
N GLY B 119 -6.73 12.08 -11.89
CA GLY B 119 -5.69 12.50 -10.98
C GLY B 119 -4.61 11.46 -10.86
N PHE B 120 -4.43 10.66 -11.90
CA PHE B 120 -3.44 9.59 -11.93
C PHE B 120 -2.18 10.00 -12.70
N GLY B 121 -2.15 11.22 -13.23
CA GLY B 121 -0.99 11.59 -14.00
C GLY B 121 -0.86 10.61 -15.15
N LYS B 122 0.36 10.33 -15.57
CA LYS B 122 0.56 9.40 -16.66
C LYS B 122 0.53 7.97 -16.14
N ARG B 123 -0.28 7.12 -16.74
CA ARG B 123 -0.36 5.73 -16.30
C ARG B 123 -0.37 4.80 -17.51
N SER B 124 -0.38 3.50 -17.25
CA SER B 124 -0.41 2.56 -18.35
C SER B 124 -1.82 2.32 -18.84
N TRP B 125 -1.92 1.99 -20.12
CA TRP B 125 -3.19 1.67 -20.75
C TRP B 125 -3.35 0.15 -20.57
N ARG B 126 -4.59 -0.33 -20.46
CA ARG B 126 -4.84 -1.76 -20.28
C ARG B 126 -4.41 -2.66 -21.44
N TYR B 127 -3.52 -3.61 -21.19
CA TYR B 127 -3.09 -4.52 -22.23
C TYR B 127 -2.35 -5.70 -21.64
N SER B 128 -2.35 -6.80 -22.37
CA SER B 128 -1.64 -7.99 -21.90
C SER B 128 -0.79 -8.40 -23.07
N MSE B 129 0.17 -9.27 -22.82
CA MSE B 129 1.04 -9.73 -23.90
C MSE B 129 1.77 -11.00 -23.48
O MSE B 129 1.83 -11.34 -22.30
CB MSE B 129 2.04 -8.63 -24.25
CG MSE B 129 3.06 -8.30 -23.15
SE MSE B 129 4.39 -6.97 -23.72
CE MSE B 129 5.25 -6.52 -22.07
N LEU B 130 2.30 -11.70 -24.48
CA LEU B 130 3.05 -12.92 -24.24
C LEU B 130 4.44 -12.56 -24.72
N VAL B 131 5.44 -12.82 -23.89
CA VAL B 131 6.80 -12.48 -24.26
C VAL B 131 7.73 -13.69 -24.25
N LYS B 132 8.31 -13.98 -25.42
CA LYS B 132 9.23 -15.10 -25.55
C LYS B 132 10.66 -14.61 -25.73
N ASN B 133 11.46 -14.86 -24.71
CA ASN B 133 12.85 -14.43 -24.69
C ASN B 133 13.06 -12.95 -24.99
N GLY B 134 12.25 -12.09 -24.39
CA GLY B 134 12.40 -10.66 -24.60
C GLY B 134 11.66 -10.11 -25.81
N VAL B 135 11.19 -11.00 -26.67
CA VAL B 135 10.49 -10.55 -27.85
C VAL B 135 8.98 -10.67 -27.72
N VAL B 136 8.33 -9.52 -27.83
CA VAL B 136 6.88 -9.48 -27.74
C VAL B 136 6.32 -10.37 -28.83
N GLU B 137 5.59 -11.42 -28.44
CA GLU B 137 5.05 -12.31 -29.46
C GLU B 137 3.64 -11.92 -29.84
N LYS B 138 2.81 -11.73 -28.82
CA LYS B 138 1.41 -11.38 -29.03
C LYS B 138 1.06 -10.24 -28.09
N MSE B 139 0.11 -9.42 -28.48
CA MSE B 139 -0.28 -8.31 -27.65
C MSE B 139 -1.78 -8.07 -27.74
O MSE B 139 -2.34 -8.02 -28.83
CB MSE B 139 0.46 -7.06 -28.09
CG MSE B 139 0.93 -6.21 -26.95
SE MSE B 139 2.07 -4.79 -27.59
CE MSE B 139 1.19 -3.31 -26.72
N PHE B 140 -2.42 -7.94 -26.58
CA PHE B 140 -3.85 -7.68 -26.57
C PHE B 140 -4.11 -6.31 -25.98
N ILE B 141 -4.20 -5.33 -26.86
CA ILE B 141 -4.42 -3.94 -26.49
C ILE B 141 -5.91 -3.64 -26.39
N GLU B 142 -6.32 -3.21 -25.21
CA GLU B 142 -7.72 -2.91 -24.97
C GLU B 142 -8.27 -1.84 -25.89
N PRO B 143 -9.52 -2.02 -26.35
CA PRO B 143 -10.20 -1.07 -27.23
C PRO B 143 -10.72 0.12 -26.43
N ASN B 144 -10.99 1.22 -27.13
CA ASN B 144 -11.47 2.44 -26.50
C ASN B 144 -13.01 2.43 -26.41
N GLU B 145 -13.59 1.34 -25.93
CA GLU B 145 -15.03 1.22 -25.82
C GLU B 145 -15.52 1.28 -24.36
N PRO B 146 -16.68 1.94 -24.12
CA PRO B 146 -17.22 2.04 -22.77
C PRO B 146 -17.67 0.65 -22.33
N GLY B 147 -17.98 0.49 -21.04
CA GLY B 147 -18.41 -0.81 -20.57
C GLY B 147 -17.26 -1.60 -19.96
N ASP B 148 -17.32 -2.93 -20.03
CA ASP B 148 -16.28 -3.75 -19.44
C ASP B 148 -14.90 -3.34 -19.93
N PRO B 149 -14.07 -2.79 -19.00
CA PRO B 149 -12.70 -2.32 -19.25
C PRO B 149 -11.72 -3.40 -19.69
N PHE B 150 -12.11 -4.67 -19.57
CA PHE B 150 -11.23 -5.77 -19.96
C PHE B 150 -11.89 -6.79 -20.88
N LYS B 151 -12.03 -6.42 -22.14
CA LYS B 151 -12.67 -7.29 -23.11
C LYS B 151 -11.66 -8.08 -23.93
N VAL B 152 -10.38 -7.76 -23.75
CA VAL B 152 -9.33 -8.42 -24.53
C VAL B 152 -8.05 -8.75 -23.77
N SER B 153 -7.76 -7.99 -22.72
CA SER B 153 -6.54 -8.22 -21.95
C SER B 153 -6.71 -9.21 -20.80
N ASP B 154 -7.91 -9.72 -20.65
CA ASP B 154 -8.22 -10.68 -19.60
C ASP B 154 -7.34 -11.92 -19.71
N ALA B 155 -7.29 -12.70 -18.64
CA ALA B 155 -6.48 -13.92 -18.63
C ALA B 155 -7.07 -14.99 -19.53
N ASP B 156 -8.38 -15.09 -19.56
CA ASP B 156 -9.02 -16.09 -20.39
C ASP B 156 -8.64 -15.93 -21.87
N THR B 157 -8.87 -14.74 -22.42
CA THR B 157 -8.50 -14.47 -23.81
C THR B 157 -7.07 -14.94 -24.07
N MSE B 158 -6.20 -14.76 -23.08
CA MSE B 158 -4.81 -15.15 -23.21
C MSE B 158 -4.67 -16.66 -23.25
O MSE B 158 -3.95 -17.21 -24.09
CB MSE B 158 -4.00 -14.61 -22.04
CG MSE B 158 -2.55 -15.02 -22.02
SE MSE B 158 -1.54 -14.40 -23.55
CE MSE B 158 -1.39 -12.52 -23.12
N LEU B 159 -5.36 -17.33 -22.34
CA LEU B 159 -5.31 -18.77 -22.24
C LEU B 159 -5.82 -19.41 -23.52
N LYS B 160 -6.98 -18.96 -23.99
CA LYS B 160 -7.55 -19.52 -25.20
C LYS B 160 -6.59 -19.34 -26.37
N TYR B 161 -5.75 -18.32 -26.28
CA TYR B 161 -4.78 -18.04 -27.33
C TYR B 161 -3.56 -18.95 -27.22
N LEU B 162 -3.08 -19.11 -26.00
CA LEU B 162 -1.91 -19.91 -25.71
C LEU B 162 -2.20 -21.41 -25.80
N ALA B 163 -3.36 -21.82 -25.30
CA ALA B 163 -3.74 -23.21 -25.31
C ALA B 163 -5.21 -23.37 -25.65
N PRO B 164 -5.58 -23.06 -26.90
CA PRO B 164 -6.99 -23.19 -27.27
C PRO B 164 -7.49 -24.61 -27.03
N GLN B 165 -6.59 -25.58 -26.95
CA GLN B 165 -7.00 -26.97 -26.70
C GLN B 165 -7.65 -27.08 -25.34
N HIS B 166 -7.04 -26.43 -24.37
CA HIS B 166 -7.51 -26.45 -22.99
C HIS B 166 -8.97 -26.04 -22.76
N GLN B 167 -9.58 -26.69 -21.78
CA GLN B 167 -10.96 -26.43 -21.35
C GLN B 167 -10.90 -26.33 -19.84
N VAL B 168 -10.99 -25.12 -19.31
CA VAL B 168 -10.91 -24.92 -17.86
C VAL B 168 -11.91 -25.81 -17.11
N GLN B 169 -11.44 -26.41 -16.01
CA GLN B 169 -12.28 -27.26 -15.19
C GLN B 169 -13.33 -26.39 -14.53
N GLU B 170 -14.44 -26.98 -14.09
CA GLU B 170 -15.47 -26.19 -13.40
C GLU B 170 -14.89 -25.76 -12.06
N SER B 171 -15.50 -24.74 -11.45
CA SER B 171 -15.03 -24.22 -10.16
C SER B 171 -15.23 -25.26 -9.05
N ILE B 172 -14.20 -25.49 -8.25
CA ILE B 172 -14.28 -26.46 -7.15
C ILE B 172 -13.89 -25.89 -5.77
N SER B 173 -14.81 -25.98 -4.82
CA SER B 173 -14.56 -25.49 -3.47
C SER B 173 -14.94 -26.59 -2.46
N ILE B 174 -14.14 -26.73 -1.41
CA ILE B 174 -14.38 -27.75 -0.39
C ILE B 174 -14.12 -27.20 1.01
N PHE B 175 -15.05 -27.41 1.94
CA PHE B 175 -14.87 -26.94 3.32
C PHE B 175 -14.15 -28.04 4.07
N THR B 176 -13.05 -27.70 4.74
CA THR B 176 -12.32 -28.73 5.47
C THR B 176 -11.92 -28.36 6.91
N LYS B 177 -11.30 -29.30 7.61
CA LYS B 177 -10.87 -29.08 8.99
C LYS B 177 -9.57 -29.82 9.22
N PRO B 178 -8.80 -29.46 10.25
CA PRO B 178 -7.55 -30.16 10.52
C PRO B 178 -7.78 -31.56 11.09
N GLY B 179 -7.03 -32.54 10.59
CA GLY B 179 -7.19 -33.91 11.05
C GLY B 179 -8.13 -34.63 10.10
N CYS B 180 -9.40 -34.24 10.18
CA CYS B 180 -10.46 -34.77 9.33
C CYS B 180 -9.99 -35.62 8.16
N PRO B 181 -9.82 -36.94 8.36
CA PRO B 181 -9.37 -37.81 7.26
C PRO B 181 -10.35 -37.81 6.08
N PHE B 182 -11.62 -37.65 6.37
CA PHE B 182 -12.65 -37.60 5.33
C PHE B 182 -12.31 -36.48 4.35
N CYS B 183 -11.86 -35.36 4.88
CA CYS B 183 -11.48 -34.21 4.08
C CYS B 183 -10.34 -34.60 3.18
N ALA B 184 -9.38 -35.33 3.75
CA ALA B 184 -8.21 -35.78 3.02
C ALA B 184 -8.62 -36.75 1.93
N LYS B 185 -9.53 -37.67 2.25
CA LYS B 185 -9.99 -38.63 1.26
C LYS B 185 -10.65 -37.90 0.09
N ALA B 186 -11.44 -36.89 0.41
CA ALA B 186 -12.11 -36.10 -0.61
C ALA B 186 -11.06 -35.36 -1.45
N LYS B 187 -10.10 -34.73 -0.76
CA LYS B 187 -9.05 -33.97 -1.43
C LYS B 187 -8.13 -34.84 -2.28
N GLN B 188 -7.77 -36.01 -1.79
CA GLN B 188 -6.91 -36.87 -2.60
C GLN B 188 -7.64 -37.16 -3.90
N LEU B 189 -8.91 -37.55 -3.77
CA LEU B 189 -9.73 -37.87 -4.94
C LEU B 189 -9.57 -36.79 -6.02
N LEU B 190 -9.61 -35.52 -5.61
CA LEU B 190 -9.47 -34.42 -6.54
C LEU B 190 -8.06 -34.43 -7.14
N HIS B 191 -7.06 -34.60 -6.28
CA HIS B 191 -5.67 -34.66 -6.71
C HIS B 191 -5.61 -35.67 -7.86
N ASP B 192 -6.05 -36.88 -7.57
CA ASP B 192 -6.07 -37.96 -8.54
C ASP B 192 -7.12 -37.73 -9.62
N LYS B 193 -7.32 -36.47 -9.99
CA LYS B 193 -8.30 -36.12 -11.01
C LYS B 193 -7.92 -34.86 -11.79
N GLY B 194 -6.73 -34.34 -11.52
CA GLY B 194 -6.28 -33.16 -12.23
C GLY B 194 -7.23 -31.99 -12.02
N LEU B 195 -7.78 -31.90 -10.81
CA LEU B 195 -8.70 -30.83 -10.47
C LEU B 195 -8.10 -29.93 -9.40
N SER B 196 -8.33 -28.64 -9.58
CA SER B 196 -7.83 -27.66 -8.63
C SER B 196 -8.99 -27.42 -7.68
N PHE B 197 -8.69 -26.92 -6.49
CA PHE B 197 -9.75 -26.66 -5.52
C PHE B 197 -9.39 -25.68 -4.41
N GLU B 198 -10.21 -24.65 -4.25
CA GLU B 198 -9.99 -23.70 -3.19
C GLU B 198 -10.34 -24.44 -1.92
N GLU B 199 -9.74 -24.05 -0.80
CA GLU B 199 -10.04 -24.70 0.45
C GLU B 199 -10.32 -23.70 1.57
N ILE B 200 -11.50 -23.82 2.14
CA ILE B 200 -11.92 -22.96 3.24
C ILE B 200 -11.72 -23.77 4.51
N ILE B 201 -10.64 -23.51 5.23
CA ILE B 201 -10.33 -24.25 6.44
C ILE B 201 -11.14 -23.75 7.61
N LEU B 202 -11.67 -24.67 8.39
CA LEU B 202 -12.49 -24.33 9.53
C LEU B 202 -11.66 -23.72 10.65
N GLY B 203 -10.35 -23.84 10.53
CA GLY B 203 -9.46 -23.28 11.53
C GLY B 203 -9.37 -21.77 11.42
N HIS B 204 -9.33 -21.26 10.20
CA HIS B 204 -9.26 -19.82 9.94
C HIS B 204 -10.23 -19.29 8.88
N ASP B 205 -10.07 -19.75 7.64
CA ASP B 205 -10.92 -19.31 6.54
C ASP B 205 -12.39 -19.21 6.92
N ALA B 206 -12.81 -19.97 7.93
CA ALA B 206 -14.20 -19.94 8.36
C ALA B 206 -14.52 -20.89 9.52
N THR B 207 -15.81 -21.15 9.76
CA THR B 207 -16.21 -22.03 10.84
C THR B 207 -17.36 -22.96 10.45
N ILE B 208 -18.09 -23.44 11.45
CA ILE B 208 -19.22 -24.34 11.21
C ILE B 208 -20.39 -23.59 10.60
N VAL B 209 -20.65 -22.39 11.10
CA VAL B 209 -21.76 -21.58 10.62
C VAL B 209 -21.85 -21.56 9.09
N SER B 210 -20.72 -21.25 8.47
CA SER B 210 -20.64 -21.17 7.01
C SER B 210 -20.98 -22.49 6.33
N VAL B 211 -20.52 -23.61 6.89
CA VAL B 211 -20.79 -24.92 6.29
C VAL B 211 -22.28 -25.27 6.38
N ARG B 212 -22.92 -24.84 7.45
CA ARG B 212 -24.34 -25.09 7.62
C ARG B 212 -25.10 -24.25 6.60
N ALA B 213 -24.80 -22.95 6.62
CA ALA B 213 -25.43 -21.97 5.73
C ALA B 213 -25.35 -22.33 4.26
N VAL B 214 -24.13 -22.60 3.79
CA VAL B 214 -23.92 -22.93 2.38
C VAL B 214 -24.37 -24.31 1.89
N SER B 215 -24.12 -25.35 2.69
CA SER B 215 -24.47 -26.72 2.29
C SER B 215 -25.68 -27.32 2.98
N GLY B 216 -26.13 -26.69 4.07
CA GLY B 216 -27.26 -27.25 4.79
C GLY B 216 -26.90 -28.60 5.38
N ARG B 217 -25.60 -28.82 5.60
CA ARG B 217 -25.08 -30.04 6.18
C ARG B 217 -24.40 -29.62 7.48
N THR B 218 -24.17 -30.60 8.35
CA THR B 218 -23.57 -30.34 9.65
C THR B 218 -22.13 -30.73 9.82
N THR B 219 -21.51 -31.31 8.80
CA THR B 219 -20.12 -31.72 8.92
C THR B 219 -19.28 -31.44 7.68
N VAL B 220 -17.97 -31.59 7.82
CA VAL B 220 -17.03 -31.41 6.71
C VAL B 220 -16.52 -32.82 6.44
N PRO B 221 -16.00 -33.09 5.24
CA PRO B 221 -15.86 -32.14 4.14
C PRO B 221 -17.14 -31.94 3.32
N GLN B 222 -17.35 -30.70 2.86
CA GLN B 222 -18.49 -30.37 2.02
C GLN B 222 -17.87 -29.89 0.73
N VAL B 223 -18.23 -30.54 -0.37
CA VAL B 223 -17.66 -30.20 -1.66
C VAL B 223 -18.61 -29.60 -2.68
N PHE B 224 -18.22 -28.47 -3.25
CA PHE B 224 -19.00 -27.80 -4.28
C PHE B 224 -18.23 -27.76 -5.60
N ILE B 225 -18.90 -28.15 -6.67
CA ILE B 225 -18.27 -28.17 -7.98
C ILE B 225 -19.15 -27.50 -9.03
N GLY B 226 -18.74 -26.31 -9.46
CA GLY B 226 -19.48 -25.58 -10.47
C GLY B 226 -20.81 -25.04 -10.01
N GLY B 227 -20.91 -24.62 -8.75
CA GLY B 227 -22.17 -24.07 -8.25
C GLY B 227 -23.11 -25.12 -7.71
N LYS B 228 -22.83 -26.39 -8.00
CA LYS B 228 -23.67 -27.48 -7.52
C LYS B 228 -23.04 -28.10 -6.28
N HIS B 229 -23.86 -28.44 -5.29
CA HIS B 229 -23.39 -29.04 -4.05
C HIS B 229 -23.22 -30.54 -4.25
N ILE B 230 -22.07 -31.08 -3.84
CA ILE B 230 -21.79 -32.50 -4.01
C ILE B 230 -21.86 -33.32 -2.72
N GLY B 231 -21.39 -32.77 -1.60
CA GLY B 231 -21.43 -33.51 -0.34
C GLY B 231 -20.11 -33.69 0.38
N GLY B 232 -19.79 -34.94 0.75
CA GLY B 232 -18.54 -35.23 1.46
C GLY B 232 -17.73 -36.33 0.80
N SER B 233 -16.64 -36.74 1.45
CA SER B 233 -15.77 -37.79 0.90
C SER B 233 -16.60 -38.82 0.16
N ASP B 234 -17.55 -39.42 0.87
CA ASP B 234 -18.42 -40.41 0.26
C ASP B 234 -19.00 -39.88 -1.04
N ASP B 235 -19.83 -38.85 -0.92
CA ASP B 235 -20.50 -38.23 -2.06
C ASP B 235 -19.59 -37.99 -3.27
N LEU B 236 -18.43 -37.37 -3.07
CA LEU B 236 -17.54 -37.11 -4.20
C LEU B 236 -17.34 -38.40 -4.99
N GLU B 237 -16.86 -39.44 -4.32
CA GLU B 237 -16.63 -40.73 -4.98
C GLU B 237 -17.79 -41.14 -5.89
N LYS B 238 -19.03 -40.91 -5.48
CA LYS B 238 -20.14 -41.27 -6.35
C LYS B 238 -20.05 -40.44 -7.64
N TYR B 239 -19.85 -39.13 -7.47
CA TYR B 239 -19.73 -38.22 -8.60
C TYR B 239 -18.58 -38.60 -9.54
N PHE B 240 -17.47 -39.05 -8.97
CA PHE B 240 -16.31 -39.46 -9.76
C PHE B 240 -16.29 -40.97 -10.02
N ALA B 241 -17.34 -41.46 -10.67
CA ALA B 241 -17.43 -42.89 -10.96
C ALA B 241 -17.77 -43.13 -12.43
S SO4 C . 13.73 17.05 -12.32
O1 SO4 C . 13.50 16.88 -10.88
O2 SO4 C . 14.69 16.07 -12.80
O3 SO4 C . 12.50 16.89 -13.07
O4 SO4 C . 14.25 18.39 -12.60
S SO4 D . -16.45 2.08 -9.02
O1 SO4 D . -15.92 2.23 -7.65
O2 SO4 D . -15.99 0.81 -9.61
O3 SO4 D . -17.92 2.10 -9.00
O4 SO4 D . -15.97 3.18 -9.89
S SO4 E . 18.24 3.51 -4.22
O1 SO4 E . 17.48 3.64 -2.94
O2 SO4 E . 19.46 2.72 -3.99
O3 SO4 E . 17.40 2.82 -5.25
O4 SO4 E . 18.62 4.84 -4.73
S SO4 F . 18.29 0.40 3.44
O1 SO4 F . 17.15 1.31 3.69
O2 SO4 F . 19.36 0.60 4.45
O3 SO4 F . 17.83 -1.02 3.48
O4 SO4 F . 18.86 0.66 2.08
#